data_9OB9
#
_entry.id   9OB9
#
_cell.length_a   69.784
_cell.length_b   69.784
_cell.length_c   315.704
_cell.angle_alpha   90.00
_cell.angle_beta   90.00
_cell.angle_gamma   120.00
#
_symmetry.space_group_name_H-M   'P 65 2 2'
#
loop_
_entity.id
_entity.type
_entity.pdbx_description
1 polymer 'nucleoside-diphosphate kinase'
2 non-polymer "CYTIDINE-5'-TRIPHOSPHATE"
3 non-polymer "ADENOSINE-5'-DIPHOSPHATE"
4 non-polymer 'MAGNESIUM ION'
5 water water
#
_entity_poly.entity_id   1
_entity_poly.type   'polypeptide(L)'
_entity_poly.pdbx_seq_one_letter_code
;MAHHHHHHVEQTYLMIKPDGIQRQVVGEIISRFEKRGYRIAAMKLTIATPAILEEHYAEHKGKPFLPGLIEKMTGPVLCM
VFEGVDVIAQARKMMGSTRPGEAAPGTIRADFCQQAGRNLIHGSDSAESAKREISLWFKPEEIQSYKLALSDYIFE
;
_entity_poly.pdbx_strand_id   A,B,C
#
loop_
_chem_comp.id
_chem_comp.type
_chem_comp.name
_chem_comp.formula
ADP non-polymer ADENOSINE-5'-DIPHOSPHATE 'C10 H15 N5 O10 P2'
CTP non-polymer CYTIDINE-5'-TRIPHOSPHATE 'C9 H16 N3 O14 P3'
MG non-polymer 'MAGNESIUM ION' 'Mg 2'
#
# COMPACT_ATOMS: atom_id res chain seq x y z
N HIS A 8 3.44 -13.52 -23.17
CA HIS A 8 4.72 -14.17 -22.84
C HIS A 8 5.29 -13.66 -21.52
N VAL A 9 5.72 -14.57 -20.67
CA VAL A 9 6.34 -14.19 -19.42
C VAL A 9 7.82 -14.00 -19.63
N GLU A 10 8.45 -13.32 -18.68
CA GLU A 10 9.90 -13.20 -18.63
C GLU A 10 10.35 -13.49 -17.19
N GLN A 11 11.67 -13.51 -16.99
CA GLN A 11 12.29 -13.75 -15.70
C GLN A 11 13.18 -12.57 -15.32
N THR A 12 13.13 -12.18 -14.05
CA THR A 12 13.99 -11.12 -13.55
C THR A 12 14.81 -11.63 -12.37
N TYR A 13 15.96 -11.01 -12.14
CA TYR A 13 16.80 -11.31 -10.98
C TYR A 13 16.50 -10.29 -9.89
N LEU A 14 16.09 -10.79 -8.72
CA LEU A 14 15.83 -9.97 -7.56
C LEU A 14 16.72 -10.46 -6.43
N MET A 15 17.34 -9.54 -5.69
CA MET A 15 18.26 -9.92 -4.63
C MET A 15 17.92 -9.14 -3.37
N ILE A 16 17.63 -9.86 -2.29
CA ILE A 16 17.43 -9.21 -1.00
C ILE A 16 18.82 -8.91 -0.42
N LYS A 17 19.06 -7.64 -0.13
CA LYS A 17 20.35 -7.16 0.32
C LYS A 17 20.53 -7.47 1.80
N PRO A 18 21.74 -7.30 2.34
CA PRO A 18 21.96 -7.71 3.74
C PRO A 18 21.03 -7.03 4.73
N ASP A 19 20.57 -5.79 4.46
CA ASP A 19 19.64 -5.14 5.36
C ASP A 19 18.29 -5.85 5.36
N GLY A 20 17.87 -6.41 4.22
CA GLY A 20 16.65 -7.19 4.23
C GLY A 20 16.76 -8.46 5.05
N ILE A 21 17.92 -9.13 4.98
CA ILE A 21 18.16 -10.31 5.80
C ILE A 21 18.19 -9.94 7.28
N GLN A 22 18.97 -8.90 7.63
CA GLN A 22 19.23 -8.58 9.03
C GLN A 22 18.00 -7.98 9.70
N ARG A 23 17.16 -7.28 8.96
CA ARG A 23 15.92 -6.75 9.53
C ARG A 23 14.82 -7.79 9.52
N GLN A 24 15.11 -8.97 8.96
CA GLN A 24 14.23 -10.15 9.01
C GLN A 24 12.86 -9.88 8.38
N VAL A 25 12.90 -9.36 7.16
CA VAL A 25 11.72 -9.10 6.34
C VAL A 25 11.77 -9.87 5.03
N VAL A 26 12.54 -10.96 5.01
CA VAL A 26 12.62 -11.81 3.81
C VAL A 26 11.24 -12.32 3.40
N GLY A 27 10.51 -12.90 4.35
CA GLY A 27 9.22 -13.44 4.03
C GLY A 27 8.27 -12.39 3.50
N GLU A 28 8.27 -11.20 4.10
CA GLU A 28 7.37 -10.15 3.66
C GLU A 28 7.67 -9.75 2.24
N ILE A 29 8.95 -9.70 1.88
CA ILE A 29 9.35 -9.33 0.53
C ILE A 29 8.86 -10.39 -0.46
N ILE A 30 9.13 -11.66 -0.16
CA ILE A 30 8.71 -12.73 -1.05
C ILE A 30 7.20 -12.70 -1.23
N SER A 31 6.46 -12.50 -0.13
CA SER A 31 5.00 -12.46 -0.21
C SER A 31 4.50 -11.38 -1.18
N ARG A 32 5.18 -10.24 -1.26
CA ARG A 32 4.68 -9.20 -2.15
C ARG A 32 4.70 -9.67 -3.60
N PHE A 33 5.73 -10.43 -3.97
CA PHE A 33 5.83 -10.91 -5.34
C PHE A 33 4.91 -12.11 -5.58
N GLU A 34 4.82 -13.02 -4.61
CA GLU A 34 3.85 -14.12 -4.73
C GLU A 34 2.43 -13.62 -4.87
N LYS A 35 2.12 -12.49 -4.22
CA LYS A 35 0.76 -11.95 -4.23
C LYS A 35 0.27 -11.65 -5.64
N ARG A 36 1.17 -11.35 -6.57
CA ARG A 36 0.75 -11.08 -7.95
C ARG A 36 0.73 -12.33 -8.81
N GLY A 37 0.99 -13.50 -8.25
CA GLY A 37 1.08 -14.67 -9.05
C GLY A 37 2.41 -14.83 -9.77
N TYR A 38 3.45 -14.10 -9.34
CA TYR A 38 4.77 -14.33 -9.88
C TYR A 38 5.31 -15.64 -9.33
N ARG A 39 6.00 -16.37 -10.18
CA ARG A 39 6.48 -17.71 -9.87
C ARG A 39 7.94 -17.64 -9.44
N ILE A 40 8.25 -18.28 -8.30
CA ILE A 40 9.64 -18.47 -7.89
C ILE A 40 10.28 -19.50 -8.80
N ALA A 41 11.24 -19.06 -9.61
CA ALA A 41 11.99 -19.97 -10.47
C ALA A 41 13.33 -20.36 -9.91
N ALA A 42 13.88 -19.58 -8.99
CA ALA A 42 15.15 -19.91 -8.37
C ALA A 42 15.25 -19.12 -7.07
N MET A 43 15.95 -19.69 -6.10
CA MET A 43 16.13 -19.03 -4.81
C MET A 43 17.35 -19.63 -4.12
N LYS A 44 18.23 -18.79 -3.60
CA LYS A 44 19.46 -19.26 -2.97
C LYS A 44 19.96 -18.23 -1.97
N LEU A 45 20.18 -18.64 -0.72
CA LEU A 45 20.88 -17.80 0.23
C LEU A 45 22.38 -17.98 0.06
N THR A 46 23.11 -16.87 -0.03
CA THR A 46 24.56 -16.91 -0.06
C THR A 46 25.08 -15.72 0.72
N ILE A 47 26.41 -15.61 0.83
CA ILE A 47 27.05 -14.42 1.34
C ILE A 47 27.81 -13.81 0.19
N ALA A 48 27.40 -12.61 -0.19
CA ALA A 48 28.01 -11.89 -1.29
C ALA A 48 29.41 -11.47 -0.92
N THR A 49 30.32 -11.59 -1.89
CA THR A 49 31.72 -11.25 -1.72
C THR A 49 32.10 -10.14 -2.71
N PRO A 50 33.16 -9.41 -2.42
CA PRO A 50 33.53 -8.31 -3.31
C PRO A 50 33.72 -8.74 -4.76
N ALA A 51 34.31 -9.90 -5.03
CA ALA A 51 34.60 -10.25 -6.42
C ALA A 51 33.31 -10.42 -7.22
N ILE A 52 32.32 -11.10 -6.66
CA ILE A 52 31.08 -11.28 -7.40
C ILE A 52 30.32 -9.96 -7.47
N LEU A 53 30.34 -9.17 -6.40
CA LEU A 53 29.65 -7.88 -6.40
C LEU A 53 30.25 -6.93 -7.42
N GLU A 54 31.56 -7.00 -7.64
CA GLU A 54 32.18 -6.15 -8.66
C GLU A 54 31.65 -6.48 -10.04
N GLU A 55 31.43 -7.77 -10.33
CA GLU A 55 30.80 -8.15 -11.59
C GLU A 55 29.33 -7.74 -11.62
N HIS A 56 28.63 -7.94 -10.51
CA HIS A 56 27.21 -7.59 -10.46
C HIS A 56 27.01 -6.11 -10.76
N TYR A 57 27.82 -5.25 -10.14
CA TYR A 57 27.73 -3.81 -10.27
C TYR A 57 28.76 -3.26 -11.26
N ALA A 58 29.04 -4.01 -12.32
CA ALA A 58 30.06 -3.61 -13.29
C ALA A 58 29.72 -2.28 -13.95
N GLU A 59 28.44 -2.00 -14.19
CA GLU A 59 28.09 -0.72 -14.80
C GLU A 59 28.53 0.47 -13.96
N HIS A 60 28.70 0.29 -12.67
CA HIS A 60 29.07 1.37 -11.76
C HIS A 60 30.57 1.48 -11.58
N LYS A 61 31.35 0.72 -12.34
CA LYS A 61 32.79 0.77 -12.22
C LYS A 61 33.28 2.21 -12.32
N GLY A 62 34.21 2.58 -11.44
CA GLY A 62 34.78 3.90 -11.40
C GLY A 62 34.02 4.91 -10.55
N LYS A 63 32.72 4.73 -10.38
CA LYS A 63 31.91 5.74 -9.70
C LYS A 63 32.33 5.88 -8.23
N PRO A 64 32.23 7.08 -7.68
CA PRO A 64 32.71 7.29 -6.30
C PRO A 64 31.99 6.45 -5.26
N PHE A 65 30.72 6.12 -5.48
CA PHE A 65 29.95 5.43 -4.46
C PHE A 65 30.15 3.92 -4.48
N LEU A 66 30.86 3.38 -5.48
CA LEU A 66 30.95 1.92 -5.63
C LEU A 66 31.65 1.26 -4.45
N PRO A 67 32.79 1.74 -3.97
CA PRO A 67 33.42 1.01 -2.85
C PRO A 67 32.52 0.91 -1.63
N GLY A 68 31.76 1.95 -1.30
CA GLY A 68 30.84 1.83 -0.18
C GLY A 68 29.67 0.93 -0.48
N LEU A 69 29.22 0.90 -1.73
CA LEU A 69 28.17 -0.02 -2.12
C LEU A 69 28.63 -1.47 -1.93
N ILE A 70 29.86 -1.78 -2.39
CA ILE A 70 30.35 -3.14 -2.26
CA ILE A 70 30.39 -3.13 -2.26
C ILE A 70 30.47 -3.52 -0.79
N GLU A 71 30.94 -2.60 0.05
CA GLU A 71 31.04 -2.87 1.48
C GLU A 71 29.67 -3.15 2.10
N LYS A 72 28.68 -2.33 1.77
CA LYS A 72 27.37 -2.52 2.34
C LYS A 72 26.75 -3.82 1.88
N MET A 73 27.11 -4.26 0.68
CA MET A 73 26.54 -5.46 0.09
C MET A 73 27.29 -6.74 0.45
N THR A 74 28.44 -6.62 1.13
CA THR A 74 29.22 -7.78 1.57
C THR A 74 28.55 -8.33 2.82
N GLY A 75 27.81 -9.40 2.64
CA GLY A 75 26.97 -9.93 3.68
C GLY A 75 25.99 -10.92 3.09
N PRO A 76 25.14 -11.50 3.94
CA PRO A 76 24.13 -12.44 3.45
C PRO A 76 23.18 -11.74 2.48
N VAL A 77 22.84 -12.46 1.42
CA VAL A 77 21.87 -12.00 0.43
C VAL A 77 20.99 -13.18 0.03
N LEU A 78 19.76 -12.89 -0.38
CA LEU A 78 18.89 -13.91 -0.95
C LEU A 78 18.76 -13.64 -2.46
N CYS A 79 19.38 -14.51 -3.25
CA CYS A 79 19.27 -14.49 -4.69
C CYS A 79 17.93 -15.08 -5.11
N MET A 80 17.22 -14.43 -6.03
CA MET A 80 15.91 -14.90 -6.45
C MET A 80 15.73 -14.69 -7.94
N VAL A 81 14.97 -15.59 -8.55
CA VAL A 81 14.45 -15.36 -9.90
C VAL A 81 12.94 -15.51 -9.83
N PHE A 82 12.21 -14.48 -10.27
CA PHE A 82 10.76 -14.48 -10.38
C PHE A 82 10.35 -14.37 -11.84
N GLU A 83 9.27 -15.05 -12.18
CA GLU A 83 8.72 -15.14 -13.53
C GLU A 83 7.30 -14.56 -13.56
N GLY A 84 7.03 -13.75 -14.58
CA GLY A 84 5.70 -13.18 -14.74
C GLY A 84 5.67 -12.33 -15.99
N VAL A 85 4.46 -11.89 -16.32
CA VAL A 85 4.26 -10.96 -17.44
C VAL A 85 4.94 -9.64 -17.07
N ASP A 86 5.86 -9.19 -17.93
CA ASP A 86 6.48 -7.88 -17.76
C ASP A 86 7.17 -7.76 -16.39
N VAL A 87 7.66 -8.87 -15.84
CA VAL A 87 8.05 -8.85 -14.43
C VAL A 87 9.30 -8.02 -14.21
N ILE A 88 10.16 -7.84 -15.23
CA ILE A 88 11.35 -7.01 -15.00
C ILE A 88 10.94 -5.58 -14.64
N ALA A 89 10.16 -4.94 -15.53
CA ALA A 89 9.70 -3.59 -15.26
C ALA A 89 8.75 -3.53 -14.06
N GLN A 90 7.86 -4.53 -13.91
CA GLN A 90 6.91 -4.50 -12.81
C GLN A 90 7.61 -4.63 -11.46
N ALA A 91 8.63 -5.50 -11.38
CA ALA A 91 9.33 -5.63 -10.11
C ALA A 91 10.05 -4.34 -9.77
N ARG A 92 10.61 -3.66 -10.77
CA ARG A 92 11.25 -2.37 -10.50
C ARG A 92 10.23 -1.35 -9.98
N LYS A 93 9.02 -1.36 -10.54
CA LYS A 93 7.96 -0.48 -10.05
C LYS A 93 7.57 -0.81 -8.61
N MET A 94 7.54 -2.10 -8.28
CA MET A 94 7.17 -2.51 -6.93
C MET A 94 8.24 -2.15 -5.92
N MET A 95 9.52 -2.18 -6.33
CA MET A 95 10.63 -1.80 -5.48
C MET A 95 10.58 -0.32 -5.15
N GLY A 96 10.29 0.51 -6.15
CA GLY A 96 10.28 1.96 -6.03
C GLY A 96 11.65 2.56 -6.30
N SER A 97 11.68 3.89 -6.28
CA SER A 97 12.87 4.67 -6.58
CA SER A 97 12.88 4.59 -6.65
C SER A 97 14.04 4.26 -5.69
N THR A 98 15.26 4.45 -6.22
CA THR A 98 16.49 4.17 -5.50
C THR A 98 16.50 4.82 -4.12
N ARG A 99 16.10 6.08 -4.06
CA ARG A 99 15.94 6.78 -2.80
C ARG A 99 14.59 6.45 -2.18
N PRO A 100 14.53 5.76 -1.03
CA PRO A 100 13.24 5.50 -0.40
C PRO A 100 12.39 6.72 -0.18
N GLY A 101 13.01 7.86 0.10
CA GLY A 101 12.24 9.07 0.33
C GLY A 101 11.52 9.61 -0.89
N GLU A 102 11.94 9.19 -2.10
CA GLU A 102 11.29 9.56 -3.34
C GLU A 102 10.36 8.48 -3.84
N ALA A 103 10.43 7.29 -3.25
CA ALA A 103 9.66 6.16 -3.74
C ALA A 103 8.18 6.33 -3.41
N ALA A 104 7.35 5.74 -4.26
CA ALA A 104 5.91 5.92 -4.11
C ALA A 104 5.39 5.15 -2.90
N PRO A 105 4.41 5.68 -2.18
CA PRO A 105 3.81 4.89 -1.10
C PRO A 105 3.28 3.58 -1.66
N GLY A 106 3.44 2.51 -0.89
CA GLY A 106 3.09 1.17 -1.36
C GLY A 106 4.19 0.40 -2.02
N THR A 107 5.33 1.04 -2.31
CA THR A 107 6.48 0.32 -2.81
C THR A 107 7.32 -0.21 -1.65
N ILE A 108 8.18 -1.18 -1.96
CA ILE A 108 9.03 -1.79 -0.94
C ILE A 108 9.93 -0.76 -0.30
N ARG A 109 10.64 0.02 -1.11
CA ARG A 109 11.58 0.97 -0.53
C ARG A 109 10.88 2.07 0.28
N ALA A 110 9.71 2.56 -0.17
CA ALA A 110 8.99 3.56 0.61
C ALA A 110 8.47 2.98 1.92
N ASP A 111 8.03 1.72 1.88
CA ASP A 111 7.37 1.15 3.05
C ASP A 111 8.34 0.69 4.13
N PHE A 112 9.58 0.36 3.77
CA PHE A 112 10.56 -0.22 4.69
C PHE A 112 11.79 0.62 4.96
N CYS A 113 12.12 1.62 4.13
CA CYS A 113 13.48 2.16 4.14
C CYS A 113 13.52 3.67 4.24
N GLN A 114 14.72 4.19 4.51
CA GLN A 114 14.96 5.63 4.67
C GLN A 114 15.96 6.20 3.68
N GLN A 115 17.04 5.48 3.39
CA GLN A 115 18.15 6.01 2.61
C GLN A 115 18.56 5.06 1.49
N ALA A 116 19.09 5.63 0.42
CA ALA A 116 19.42 4.83 -0.76
C ALA A 116 20.46 3.76 -0.44
N GLY A 117 21.40 4.06 0.44
CA GLY A 117 22.42 3.08 0.75
C GLY A 117 21.93 1.87 1.51
N ARG A 118 20.73 1.92 2.05
CA ARG A 118 20.11 0.77 2.71
C ARG A 118 18.67 0.68 2.19
N ASN A 119 18.49 0.19 0.97
CA ASN A 119 17.20 0.19 0.30
C ASN A 119 16.75 -1.23 -0.05
N LEU A 120 17.22 -2.22 0.72
CA LEU A 120 16.63 -3.53 0.97
C LEU A 120 16.71 -4.58 -0.15
N ILE A 121 16.74 -4.15 -1.40
CA ILE A 121 16.46 -5.07 -2.50
C ILE A 121 17.05 -4.49 -3.79
N HIS A 122 17.60 -5.39 -4.61
CA HIS A 122 18.04 -5.13 -5.97
C HIS A 122 17.10 -5.84 -6.95
N GLY A 123 16.83 -5.20 -8.09
CA GLY A 123 16.17 -5.88 -9.20
C GLY A 123 16.77 -5.48 -10.53
N SER A 124 16.76 -6.43 -11.48
CA SER A 124 17.26 -6.16 -12.83
C SER A 124 16.52 -4.99 -13.46
N ASP A 125 17.24 -4.15 -14.19
CA ASP A 125 16.62 -2.96 -14.78
C ASP A 125 16.27 -3.12 -16.26
N SER A 126 16.57 -4.26 -16.87
CA SER A 126 16.32 -4.46 -18.30
C SER A 126 16.38 -5.94 -18.62
N ALA A 127 15.94 -6.29 -19.83
CA ALA A 127 16.03 -7.67 -20.27
C ALA A 127 17.48 -8.13 -20.31
N GLU A 128 18.38 -7.27 -20.82
CA GLU A 128 19.79 -7.65 -20.92
C GLU A 128 20.42 -7.84 -19.55
N SER A 129 20.13 -6.93 -18.61
CA SER A 129 20.72 -7.07 -17.29
CA SER A 129 20.68 -7.04 -17.27
C SER A 129 20.12 -8.25 -16.55
N ALA A 130 18.85 -8.56 -16.77
CA ALA A 130 18.28 -9.74 -16.14
C ALA A 130 18.96 -11.01 -16.61
N LYS A 131 19.21 -11.13 -17.92
CA LYS A 131 19.89 -12.32 -18.42
C LYS A 131 21.28 -12.42 -17.80
N ARG A 132 22.00 -11.31 -17.77
CA ARG A 132 23.38 -11.34 -17.26
C ARG A 132 23.41 -11.65 -15.77
N GLU A 133 22.52 -11.03 -15.00
CA GLU A 133 22.54 -11.21 -13.56
C GLU A 133 22.10 -12.62 -13.18
N ILE A 134 21.08 -13.15 -13.85
CA ILE A 134 20.66 -14.52 -13.56
C ILE A 134 21.82 -15.49 -13.81
N SER A 135 22.56 -15.28 -14.90
CA SER A 135 23.69 -16.15 -15.21
C SER A 135 24.85 -15.97 -14.23
N LEU A 136 25.01 -14.77 -13.67
CA LEU A 136 26.10 -14.54 -12.72
C LEU A 136 25.89 -15.28 -11.41
N TRP A 137 24.67 -15.26 -10.89
CA TRP A 137 24.38 -15.76 -9.56
C TRP A 137 23.83 -17.18 -9.53
N PHE A 138 23.34 -17.69 -10.66
CA PHE A 138 22.74 -19.02 -10.73
C PHE A 138 23.34 -19.82 -11.87
N LYS A 139 23.59 -21.09 -11.60
CA LYS A 139 23.85 -22.02 -12.69
C LYS A 139 22.51 -22.41 -13.32
N PRO A 140 22.53 -22.83 -14.58
CA PRO A 140 21.28 -23.19 -15.25
C PRO A 140 20.52 -24.29 -14.54
N GLU A 141 21.23 -25.26 -13.93
CA GLU A 141 20.57 -26.34 -13.21
C GLU A 141 19.84 -25.88 -11.95
N GLU A 142 20.08 -24.65 -11.50
CA GLU A 142 19.40 -24.12 -10.33
CA GLU A 142 19.41 -24.09 -10.34
C GLU A 142 18.08 -23.43 -10.68
N ILE A 143 17.78 -23.24 -11.96
CA ILE A 143 16.57 -22.58 -12.39
C ILE A 143 15.52 -23.66 -12.62
N GLN A 144 14.40 -23.55 -11.93
CA GLN A 144 13.40 -24.59 -11.87
C GLN A 144 12.19 -24.22 -12.72
N SER A 145 11.76 -25.16 -13.56
CA SER A 145 10.60 -24.96 -14.42
CA SER A 145 10.60 -24.95 -14.41
C SER A 145 9.43 -25.77 -13.89
N TYR A 146 8.34 -25.10 -13.58
CA TYR A 146 7.08 -25.73 -13.24
C TYR A 146 6.00 -24.71 -13.54
N LYS A 147 4.76 -25.21 -13.59
CA LYS A 147 3.60 -24.38 -13.89
C LYS A 147 2.77 -24.15 -12.64
N LEU A 148 2.37 -22.90 -12.41
CA LEU A 148 1.51 -22.59 -11.29
C LEU A 148 0.11 -23.15 -11.52
N ALA A 149 -0.43 -23.81 -10.48
CA ALA A 149 -1.75 -24.42 -10.58
C ALA A 149 -2.85 -23.40 -10.86
N LEU A 150 -2.66 -22.15 -10.45
CA LEU A 150 -3.66 -21.11 -10.66
C LEU A 150 -3.43 -20.32 -11.95
N SER A 151 -2.64 -20.87 -12.89
CA SER A 151 -2.27 -20.14 -14.10
CA SER A 151 -2.27 -20.12 -14.10
C SER A 151 -3.49 -19.61 -14.86
N ASP A 152 -4.55 -20.42 -14.96
CA ASP A 152 -5.72 -20.01 -15.73
C ASP A 152 -6.38 -18.76 -15.14
N TYR A 153 -6.18 -18.49 -13.86
CA TYR A 153 -6.76 -17.35 -13.18
C TYR A 153 -5.79 -16.21 -12.99
N ILE A 154 -4.54 -16.37 -13.41
CA ILE A 154 -3.52 -15.33 -13.33
C ILE A 154 -3.28 -14.70 -14.70
N PHE A 155 -3.22 -15.53 -15.74
CA PHE A 155 -2.91 -15.10 -17.09
C PHE A 155 -4.18 -15.08 -17.94
N GLU A 156 -4.27 -14.10 -18.82
CA GLU A 156 -5.46 -14.02 -19.67
C GLU A 156 -5.30 -15.03 -20.80
N HIS B 8 22.13 12.53 9.55
CA HIS B 8 21.39 13.55 10.29
C HIS B 8 19.92 13.17 10.35
N VAL B 9 19.38 13.03 11.56
CA VAL B 9 17.98 12.68 11.75
C VAL B 9 17.26 13.90 12.33
N GLU B 10 15.96 13.91 12.18
CA GLU B 10 15.14 14.92 12.82
C GLU B 10 13.99 14.24 13.57
N GLN B 11 13.21 15.04 14.28
CA GLN B 11 12.08 14.54 15.03
C GLN B 11 10.81 15.26 14.59
N THR B 12 9.71 14.53 14.47
CA THR B 12 8.43 15.12 14.15
C THR B 12 7.43 14.76 15.23
N TYR B 13 6.43 15.62 15.39
CA TYR B 13 5.28 15.34 16.26
C TYR B 13 4.17 14.70 15.43
N LEU B 14 3.73 13.52 15.86
CA LEU B 14 2.62 12.80 15.23
C LEU B 14 1.59 12.55 16.32
N MET B 15 0.31 12.73 15.98
CA MET B 15 -0.75 12.57 16.98
C MET B 15 -1.87 11.76 16.36
N ILE B 16 -2.17 10.61 16.97
CA ILE B 16 -3.36 9.84 16.59
C ILE B 16 -4.57 10.53 17.21
N LYS B 17 -5.51 10.90 16.36
CA LYS B 17 -6.69 11.66 16.72
C LYS B 17 -7.71 10.70 17.32
N PRO B 18 -8.78 11.23 17.92
CA PRO B 18 -9.74 10.34 18.61
C PRO B 18 -10.34 9.28 17.69
N ASP B 19 -10.47 9.55 16.39
CA ASP B 19 -10.99 8.49 15.52
C ASP B 19 -10.01 7.34 15.39
N GLY B 20 -8.70 7.60 15.41
CA GLY B 20 -7.75 6.49 15.41
C GLY B 20 -7.86 5.64 16.67
N ILE B 21 -8.07 6.30 17.82
CA ILE B 21 -8.25 5.57 19.08
C ILE B 21 -9.54 4.75 19.05
N GLN B 22 -10.65 5.40 18.67
CA GLN B 22 -11.97 4.76 18.74
C GLN B 22 -12.15 3.67 17.69
N ARG B 23 -11.51 3.80 16.54
CA ARG B 23 -11.58 2.74 15.55
C ARG B 23 -10.55 1.65 15.84
N GLN B 24 -9.71 1.86 16.86
CA GLN B 24 -8.82 0.82 17.41
C GLN B 24 -7.80 0.36 16.35
N VAL B 25 -7.17 1.36 15.74
CA VAL B 25 -6.11 1.14 14.76
C VAL B 25 -4.79 1.76 15.21
N VAL B 26 -4.64 2.00 16.52
CA VAL B 26 -3.41 2.62 17.04
C VAL B 26 -2.18 1.78 16.67
N GLY B 27 -2.24 0.48 16.95
CA GLY B 27 -1.10 -0.38 16.65
C GLY B 27 -0.75 -0.42 15.17
N GLU B 28 -1.75 -0.48 14.31
CA GLU B 28 -1.50 -0.46 12.88
C GLU B 28 -0.78 0.82 12.46
N ILE B 29 -1.18 1.95 13.05
CA ILE B 29 -0.53 3.21 12.69
C ILE B 29 0.93 3.20 13.12
N ILE B 30 1.17 2.82 14.39
CA ILE B 30 2.53 2.77 14.88
C ILE B 30 3.38 1.84 14.02
N SER B 31 2.84 0.68 13.66
CA SER B 31 3.59 -0.28 12.87
C SER B 31 4.06 0.32 11.55
N ARG B 32 3.28 1.21 10.95
CA ARG B 32 3.71 1.77 9.66
C ARG B 32 4.99 2.57 9.81
N PHE B 33 5.12 3.31 10.92
CA PHE B 33 6.32 4.10 11.16
C PHE B 33 7.50 3.25 11.63
N GLU B 34 7.24 2.28 12.51
CA GLU B 34 8.28 1.35 12.91
C GLU B 34 8.85 0.59 11.73
N LYS B 35 8.03 0.31 10.71
CA LYS B 35 8.45 -0.49 9.58
C LYS B 35 9.59 0.16 8.82
N ARG B 36 9.66 1.49 8.83
CA ARG B 36 10.75 2.18 8.15
C ARG B 36 11.97 2.37 9.03
N GLY B 37 11.96 1.85 10.25
CA GLY B 37 13.06 2.07 11.14
C GLY B 37 13.03 3.40 11.84
N TYR B 38 11.89 4.06 11.88
CA TYR B 38 11.77 5.28 12.66
C TYR B 38 11.72 4.93 14.14
N ARG B 39 12.39 5.74 14.95
CA ARG B 39 12.52 5.48 16.38
C ARG B 39 11.43 6.21 17.15
N ILE B 40 10.78 5.48 18.07
CA ILE B 40 9.82 6.10 18.98
C ILE B 40 10.62 6.84 20.05
N ALA B 41 10.61 8.16 19.99
CA ALA B 41 11.29 8.95 21.00
C ALA B 41 10.38 9.39 22.14
N ALA B 42 9.06 9.41 21.91
CA ALA B 42 8.09 9.80 22.91
C ALA B 42 6.74 9.24 22.54
N MET B 43 5.95 8.89 23.54
CA MET B 43 4.63 8.34 23.32
C MET B 43 3.85 8.52 24.60
N LYS B 44 2.65 9.09 24.50
CA LYS B 44 1.83 9.34 25.67
C LYS B 44 0.36 9.40 25.25
N LEU B 45 -0.49 8.67 25.96
CA LEU B 45 -1.92 8.80 25.79
C LEU B 45 -2.43 9.92 26.70
N THR B 46 -3.21 10.83 26.14
CA THR B 46 -3.88 11.82 26.96
C THR B 46 -5.27 12.06 26.40
N ILE B 47 -6.02 12.97 27.02
CA ILE B 47 -7.29 13.41 26.45
C ILE B 47 -7.13 14.88 26.10
N ALA B 48 -7.25 15.20 24.81
CA ALA B 48 -7.07 16.56 24.36
C ALA B 48 -8.24 17.40 24.86
N THR B 49 -7.92 18.60 25.30
CA THR B 49 -8.89 19.56 25.79
C THR B 49 -8.94 20.80 24.88
N PRO B 50 -10.04 21.56 24.92
CA PRO B 50 -10.12 22.76 24.09
C PRO B 50 -8.97 23.74 24.27
N ALA B 51 -8.48 23.94 25.49
CA ALA B 51 -7.41 24.92 25.71
C ALA B 51 -6.12 24.51 25.00
N ILE B 52 -5.71 23.24 25.12
CA ILE B 52 -4.49 22.81 24.44
C ILE B 52 -4.71 22.76 22.93
N LEU B 53 -5.91 22.36 22.49
CA LEU B 53 -6.18 22.32 21.05
C LEU B 53 -6.21 23.71 20.45
N GLU B 54 -6.64 24.72 21.21
CA GLU B 54 -6.56 26.09 20.70
C GLU B 54 -5.11 26.48 20.42
N GLU B 55 -4.18 26.11 21.32
CA GLU B 55 -2.77 26.39 21.07
CA GLU B 55 -2.78 26.41 21.05
C GLU B 55 -2.26 25.57 19.89
N HIS B 56 -2.63 24.29 19.82
CA HIS B 56 -2.18 23.44 18.72
C HIS B 56 -2.62 24.01 17.39
N TYR B 57 -3.88 24.45 17.30
CA TYR B 57 -4.46 24.98 16.06
C TYR B 57 -4.46 26.51 16.04
N ALA B 58 -3.42 27.11 16.61
CA ALA B 58 -3.39 28.56 16.74
C ALA B 58 -3.42 29.22 15.37
N GLU B 59 -2.82 28.60 14.35
CA GLU B 59 -2.84 29.22 13.04
C GLU B 59 -4.27 29.44 12.56
N HIS B 60 -5.22 28.61 13.00
CA HIS B 60 -6.60 28.70 12.54
C HIS B 60 -7.49 29.48 13.50
N LYS B 61 -6.91 30.24 14.42
CA LYS B 61 -7.72 31.02 15.34
C LYS B 61 -8.68 31.92 14.57
N GLY B 62 -9.91 32.02 15.05
CA GLY B 62 -10.89 32.93 14.49
C GLY B 62 -11.64 32.40 13.29
N LYS B 63 -11.16 31.34 12.65
CA LYS B 63 -11.81 30.81 11.47
C LYS B 63 -13.10 30.09 11.85
N PRO B 64 -14.03 29.93 10.90
CA PRO B 64 -15.35 29.36 11.25
C PRO B 64 -15.34 27.85 11.43
N PHE B 65 -14.35 27.14 10.90
CA PHE B 65 -14.32 25.70 11.04
C PHE B 65 -13.61 25.25 12.30
N LEU B 66 -12.93 26.15 13.01
CA LEU B 66 -12.19 25.74 14.20
C LEU B 66 -13.08 25.19 15.30
N PRO B 67 -14.22 25.78 15.63
CA PRO B 67 -15.02 25.23 16.74
C PRO B 67 -15.37 23.76 16.53
N GLY B 68 -15.74 23.37 15.32
CA GLY B 68 -16.07 21.97 15.08
C GLY B 68 -14.85 21.09 15.02
N LEU B 69 -13.73 21.64 14.54
CA LEU B 69 -12.47 20.92 14.62
C LEU B 69 -12.13 20.62 16.07
N ILE B 70 -12.24 21.62 16.95
CA ILE B 70 -11.91 21.40 18.35
CA ILE B 70 -11.93 21.42 18.35
C ILE B 70 -12.85 20.36 18.95
N GLU B 71 -14.13 20.41 18.60
CA GLU B 71 -15.06 19.41 19.14
C GLU B 71 -14.65 18.00 18.73
N LYS B 72 -14.35 17.81 17.44
CA LYS B 72 -14.00 16.46 17.01
CA LYS B 72 -13.98 16.47 16.98
C LYS B 72 -12.69 15.99 17.63
N MET B 73 -11.78 16.92 17.94
CA MET B 73 -10.49 16.56 18.51
C MET B 73 -10.52 16.43 20.04
N THR B 74 -11.62 16.81 20.70
CA THR B 74 -11.75 16.68 22.16
C THR B 74 -12.08 15.23 22.48
N GLY B 75 -11.07 14.50 22.92
CA GLY B 75 -11.15 13.06 22.99
C GLY B 75 -9.78 12.53 23.24
N PRO B 76 -9.68 11.21 23.45
CA PRO B 76 -8.38 10.57 23.63
C PRO B 76 -7.53 10.75 22.38
N VAL B 77 -6.26 11.02 22.59
CA VAL B 77 -5.26 11.10 21.53
C VAL B 77 -4.00 10.41 21.97
N LEU B 78 -3.22 9.90 21.00
CA LEU B 78 -1.89 9.39 21.28
C LEU B 78 -0.86 10.38 20.72
N CYS B 79 -0.17 11.03 21.64
CA CYS B 79 0.92 11.93 21.32
C CYS B 79 2.17 11.10 21.04
N MET B 80 2.86 11.39 19.93
CA MET B 80 4.05 10.63 19.57
C MET B 80 5.13 11.56 19.03
N VAL B 81 6.39 11.18 19.26
CA VAL B 81 7.52 11.77 18.56
C VAL B 81 8.27 10.65 17.87
N PHE B 82 8.43 10.75 16.55
CA PHE B 82 9.26 9.80 15.81
C PHE B 82 10.51 10.47 15.27
N GLU B 83 11.58 9.70 15.18
CA GLU B 83 12.87 10.18 14.70
C GLU B 83 13.34 9.40 13.48
N GLY B 84 13.85 10.11 12.47
CA GLY B 84 14.42 9.47 11.32
C GLY B 84 14.93 10.51 10.34
N VAL B 85 15.54 10.02 9.27
CA VAL B 85 16.00 10.87 8.18
C VAL B 85 14.79 11.52 7.54
N ASP B 86 14.79 12.85 7.48
CA ASP B 86 13.75 13.57 6.74
C ASP B 86 12.35 13.20 7.25
N VAL B 87 12.24 12.86 8.54
CA VAL B 87 11.00 12.24 9.01
C VAL B 87 9.84 13.23 9.01
N ILE B 88 10.09 14.53 9.12
CA ILE B 88 8.98 15.47 9.06
C ILE B 88 8.26 15.38 7.72
N ALA B 89 8.99 15.55 6.63
CA ALA B 89 8.39 15.46 5.31
C ALA B 89 7.91 14.06 5.01
N GLN B 90 8.68 13.05 5.44
CA GLN B 90 8.32 11.68 5.10
C GLN B 90 7.04 11.27 5.82
N ALA B 91 6.88 11.68 7.08
CA ALA B 91 5.66 11.33 7.78
C ALA B 91 4.46 11.97 7.12
N ARG B 92 4.60 13.22 6.66
CA ARG B 92 3.50 13.86 5.93
C ARG B 92 3.15 13.08 4.68
N LYS B 93 4.17 12.63 3.95
CA LYS B 93 3.94 11.84 2.75
C LYS B 93 3.22 10.54 3.09
N MET B 94 3.61 9.88 4.18
CA MET B 94 2.98 8.63 4.57
C MET B 94 1.52 8.83 5.00
N MET B 95 1.20 9.96 5.65
CA MET B 95 -0.17 10.27 6.05
C MET B 95 -1.05 10.51 4.83
N GLY B 96 -0.50 11.14 3.81
CA GLY B 96 -1.26 11.56 2.64
C GLY B 96 -1.99 12.86 2.83
N SER B 97 -2.60 13.29 1.73
CA SER B 97 -3.39 14.53 1.70
C SER B 97 -4.36 14.63 2.86
N THR B 98 -4.59 15.87 3.31
CA THR B 98 -5.59 16.15 4.34
C THR B 98 -6.92 15.54 4.00
N ARG B 99 -7.34 15.68 2.74
CA ARG B 99 -8.57 15.12 2.25
C ARG B 99 -8.30 13.69 1.81
N PRO B 100 -8.86 12.68 2.50
CA PRO B 100 -8.53 11.30 2.14
C PRO B 100 -8.84 10.94 0.70
N GLY B 101 -9.90 11.52 0.12
CA GLY B 101 -10.24 11.22 -1.27
C GLY B 101 -9.17 11.65 -2.26
N GLU B 102 -8.31 12.58 -1.87
CA GLU B 102 -7.22 13.03 -2.71
C GLU B 102 -5.90 12.37 -2.38
N ALA B 103 -5.86 11.61 -1.29
CA ALA B 103 -4.62 10.99 -0.83
C ALA B 103 -4.24 9.79 -1.70
N ALA B 104 -2.93 9.59 -1.82
CA ALA B 104 -2.42 8.54 -2.68
C ALA B 104 -2.71 7.16 -2.10
N PRO B 105 -2.99 6.17 -2.94
CA PRO B 105 -3.13 4.80 -2.42
C PRO B 105 -1.85 4.43 -1.65
N GLY B 106 -2.02 3.70 -0.56
CA GLY B 106 -0.89 3.34 0.26
C GLY B 106 -0.58 4.29 1.40
N THR B 107 -1.19 5.47 1.43
CA THR B 107 -1.06 6.38 2.55
C THR B 107 -2.10 6.06 3.62
N ILE B 108 -1.84 6.58 4.82
CA ILE B 108 -2.73 6.30 5.94
C ILE B 108 -4.14 6.81 5.66
N ARG B 109 -4.25 8.06 5.22
CA ARG B 109 -5.58 8.65 5.04
C ARG B 109 -6.33 7.96 3.90
N ALA B 110 -5.63 7.59 2.82
CA ALA B 110 -6.30 6.89 1.72
C ALA B 110 -6.74 5.49 2.15
N ASP B 111 -5.96 4.85 3.00
CA ASP B 111 -6.20 3.45 3.34
C ASP B 111 -7.28 3.30 4.42
N PHE B 112 -7.44 4.32 5.26
CA PHE B 112 -8.31 4.24 6.43
C PHE B 112 -9.51 5.19 6.43
N CYS B 113 -9.53 6.27 5.65
CA CYS B 113 -10.43 7.39 5.93
C CYS B 113 -11.24 7.81 4.71
N GLN B 114 -12.24 8.67 4.97
CA GLN B 114 -13.16 9.17 3.95
C GLN B 114 -13.17 10.68 3.85
N GLN B 115 -13.11 11.39 4.97
CA GLN B 115 -13.25 12.83 4.97
C GLN B 115 -12.19 13.51 5.83
N ALA B 116 -11.91 14.78 5.47
CA ALA B 116 -10.85 15.51 6.16
C ALA B 116 -11.11 15.66 7.66
N GLY B 117 -12.37 15.84 8.06
CA GLY B 117 -12.67 16.05 9.45
C GLY B 117 -12.45 14.83 10.32
N ARG B 118 -12.33 13.65 9.72
CA ARG B 118 -11.97 12.43 10.43
C ARG B 118 -10.86 11.76 9.64
N ASN B 119 -9.64 12.27 9.78
CA ASN B 119 -8.53 11.81 8.95
C ASN B 119 -7.38 11.24 9.79
N LEU B 120 -7.73 10.75 10.99
CA LEU B 120 -7.03 9.76 11.81
C LEU B 120 -5.77 10.23 12.53
N ILE B 121 -5.04 11.19 11.98
CA ILE B 121 -3.69 11.45 12.43
C ILE B 121 -3.30 12.86 12.03
N HIS B 122 -2.45 13.47 12.84
CA HIS B 122 -1.80 14.74 12.58
C HIS B 122 -0.30 14.53 12.54
N GLY B 123 0.39 15.25 11.66
CA GLY B 123 1.85 15.31 11.68
C GLY B 123 2.33 16.73 11.44
N SER B 124 3.43 17.09 12.10
CA SER B 124 4.03 18.42 11.91
C SER B 124 4.29 18.70 10.43
N ASP B 125 4.04 19.94 10.02
CA ASP B 125 4.25 20.30 8.62
C ASP B 125 5.61 20.92 8.33
N SER B 126 6.44 21.19 9.34
CA SER B 126 7.71 21.86 9.12
C SER B 126 8.58 21.64 10.36
N ALA B 127 9.86 21.98 10.22
CA ALA B 127 10.75 21.95 11.39
C ALA B 127 10.25 22.88 12.49
N GLU B 128 9.78 24.07 12.11
CA GLU B 128 9.32 25.02 13.11
C GLU B 128 8.09 24.50 13.86
N SER B 129 7.13 23.92 13.14
CA SER B 129 5.94 23.42 13.81
CA SER B 129 5.93 23.39 13.77
C SER B 129 6.23 22.17 14.62
N ALA B 130 7.20 21.36 14.21
CA ALA B 130 7.55 20.19 15.00
C ALA B 130 8.09 20.62 16.35
N LYS B 131 8.97 21.62 16.36
CA LYS B 131 9.52 22.11 17.63
C LYS B 131 8.41 22.67 18.51
N ARG B 132 7.51 23.47 17.92
CA ARG B 132 6.41 24.07 18.66
C ARG B 132 5.47 23.00 19.20
N GLU B 133 5.10 22.01 18.38
CA GLU B 133 4.12 21.01 18.79
C GLU B 133 4.71 20.06 19.82
N ILE B 134 5.96 19.64 19.66
CA ILE B 134 6.56 18.78 20.67
C ILE B 134 6.59 19.50 22.02
N SER B 135 6.90 20.80 22.02
CA SER B 135 6.94 21.56 23.28
C SER B 135 5.56 21.69 23.91
N LEU B 136 4.52 21.83 23.07
CA LEU B 136 3.17 21.99 23.57
C LEU B 136 2.66 20.72 24.22
N TRP B 137 2.88 19.57 23.59
CA TRP B 137 2.23 18.35 24.05
C TRP B 137 3.09 17.51 24.96
N PHE B 138 4.41 17.73 25.01
CA PHE B 138 5.31 16.91 25.83
C PHE B 138 6.14 17.77 26.77
N LYS B 139 6.44 17.20 28.01
CA LYS B 139 7.54 17.73 28.81
C LYS B 139 8.85 17.09 28.34
N PRO B 140 9.97 17.79 28.49
CA PRO B 140 11.24 17.26 27.95
C PRO B 140 11.66 15.92 28.53
N GLU B 141 11.26 15.59 29.77
CA GLU B 141 11.61 14.27 30.30
C GLU B 141 10.92 13.15 29.54
N GLU B 142 9.81 13.47 28.88
CA GLU B 142 9.07 12.47 28.14
C GLU B 142 9.72 12.11 26.81
N ILE B 143 10.68 12.91 26.35
CA ILE B 143 11.44 12.61 25.12
C ILE B 143 12.64 11.76 25.53
N GLN B 144 12.74 10.56 24.98
CA GLN B 144 13.71 9.57 25.44
C GLN B 144 14.80 9.43 24.40
N SER B 145 16.04 9.41 24.84
CA SER B 145 17.20 9.28 23.97
CA SER B 145 17.20 9.29 23.98
C SER B 145 17.77 7.87 24.09
N TYR B 146 17.76 7.15 22.98
CA TYR B 146 18.34 5.82 22.89
C TYR B 146 18.60 5.55 21.41
N LYS B 147 19.39 4.53 21.13
CA LYS B 147 19.81 4.21 19.77
C LYS B 147 19.18 2.88 19.34
N LEU B 148 18.71 2.81 18.10
CA LEU B 148 18.16 1.55 17.60
C LEU B 148 19.29 0.60 17.26
N ALA B 149 19.15 -0.64 17.73
CA ALA B 149 20.16 -1.67 17.50
C ALA B 149 20.34 -2.00 16.03
N LEU B 150 19.34 -1.77 15.18
CA LEU B 150 19.45 -2.06 13.76
C LEU B 150 19.98 -0.85 12.96
N SER B 151 20.55 0.15 13.64
CA SER B 151 20.99 1.38 12.97
CA SER B 151 20.97 1.38 12.96
C SER B 151 21.87 1.10 11.76
N ASP B 152 22.80 0.14 11.88
CA ASP B 152 23.73 -0.09 10.77
C ASP B 152 23.04 -0.57 9.49
N TYR B 153 21.84 -1.11 9.59
CA TYR B 153 21.10 -1.61 8.44
C TYR B 153 19.96 -0.68 8.05
N ILE B 154 19.74 0.38 8.81
CA ILE B 154 18.72 1.38 8.48
C ILE B 154 19.35 2.61 7.83
N PHE B 155 20.50 3.07 8.33
CA PHE B 155 21.16 4.27 7.86
C PHE B 155 22.40 3.92 7.05
N GLU B 156 22.67 4.74 6.04
CA GLU B 156 23.79 4.49 5.12
C GLU B 156 25.07 5.01 5.78
N HIS C 8 -23.30 12.80 3.27
CA HIS C 8 -23.82 12.52 1.94
C HIS C 8 -23.12 11.32 1.31
N VAL C 9 -23.69 10.13 1.47
CA VAL C 9 -23.05 8.91 0.98
C VAL C 9 -23.71 8.46 -0.32
N GLU C 10 -22.99 7.61 -1.05
CA GLU C 10 -23.57 6.93 -2.18
C GLU C 10 -23.23 5.44 -2.09
N GLN C 11 -23.75 4.68 -3.04
CA GLN C 11 -23.55 3.24 -3.11
C GLN C 11 -22.96 2.87 -4.45
N THR C 12 -21.99 1.96 -4.44
CA THR C 12 -21.40 1.45 -5.67
C THR C 12 -21.53 -0.06 -5.73
N TYR C 13 -21.55 -0.59 -6.96
CA TYR C 13 -21.56 -2.03 -7.19
C TYR C 13 -20.12 -2.51 -7.40
N LEU C 14 -19.68 -3.44 -6.56
CA LEU C 14 -18.38 -4.09 -6.69
C LEU C 14 -18.59 -5.58 -6.84
N MET C 15 -17.82 -6.20 -7.73
CA MET C 15 -17.98 -7.62 -8.00
C MET C 15 -16.61 -8.29 -8.03
N ILE C 16 -16.42 -9.26 -7.15
CA ILE C 16 -15.22 -10.08 -7.21
C ILE C 16 -15.38 -11.10 -8.33
N LYS C 17 -14.46 -11.07 -9.27
CA LYS C 17 -14.51 -11.93 -10.45
C LYS C 17 -14.05 -13.33 -10.10
N PRO C 18 -14.24 -14.29 -11.01
CA PRO C 18 -13.89 -15.67 -10.68
C PRO C 18 -12.46 -15.86 -10.24
N ASP C 19 -11.51 -15.08 -10.76
CA ASP C 19 -10.13 -15.19 -10.32
C ASP C 19 -9.95 -14.76 -8.86
N GLY C 20 -10.74 -13.79 -8.38
CA GLY C 20 -10.68 -13.47 -6.96
C GLY C 20 -11.21 -14.60 -6.09
N ILE C 21 -12.27 -15.26 -6.54
CA ILE C 21 -12.81 -16.41 -5.82
C ILE C 21 -11.79 -17.56 -5.80
N GLN C 22 -11.27 -17.90 -6.99
CA GLN C 22 -10.43 -19.09 -7.13
C GLN C 22 -9.06 -18.89 -6.47
N ARG C 23 -8.53 -17.67 -6.47
CA ARG C 23 -7.28 -17.38 -5.79
C ARG C 23 -7.48 -17.19 -4.29
N GLN C 24 -8.74 -17.21 -3.84
CA GLN C 24 -9.11 -17.23 -2.42
C GLN C 24 -8.60 -16.00 -1.69
N VAL C 25 -8.87 -14.84 -2.29
CA VAL C 25 -8.54 -13.54 -1.72
C VAL C 25 -9.80 -12.70 -1.46
N VAL C 26 -10.96 -13.36 -1.37
CA VAL C 26 -12.20 -12.63 -1.11
C VAL C 26 -12.10 -11.81 0.18
N GLY C 27 -11.63 -12.43 1.27
CA GLY C 27 -11.59 -11.70 2.53
C GLY C 27 -10.64 -10.53 2.49
N GLU C 28 -9.50 -10.70 1.81
CA GLU C 28 -8.54 -9.60 1.70
C GLU C 28 -9.16 -8.43 0.94
N ILE C 29 -9.92 -8.72 -0.12
CA ILE C 29 -10.58 -7.67 -0.88
C ILE C 29 -11.59 -6.94 0.00
N ILE C 30 -12.45 -7.69 0.70
CA ILE C 30 -13.45 -7.05 1.54
C ILE C 30 -12.79 -6.19 2.61
N SER C 31 -11.72 -6.69 3.23
CA SER C 31 -11.06 -5.94 4.29
C SER C 31 -10.55 -4.58 3.81
N ARG C 32 -10.10 -4.48 2.54
CA ARG C 32 -9.63 -3.20 2.04
C ARG C 32 -10.73 -2.14 2.07
N PHE C 33 -11.96 -2.53 1.75
CA PHE C 33 -13.06 -1.58 1.76
C PHE C 33 -13.58 -1.32 3.17
N GLU C 34 -13.67 -2.37 3.99
CA GLU C 34 -14.04 -2.16 5.39
C GLU C 34 -13.09 -1.23 6.08
N LYS C 35 -11.82 -1.25 5.68
CA LYS C 35 -10.79 -0.49 6.36
C LYS C 35 -11.04 1.00 6.31
N ARG C 36 -11.72 1.47 5.26
CA ARG C 36 -12.06 2.89 5.16
C ARG C 36 -13.39 3.24 5.83
N GLY C 37 -14.03 2.30 6.49
CA GLY C 37 -15.35 2.56 7.02
C GLY C 37 -16.46 2.49 6.02
N TYR C 38 -16.23 1.83 4.88
CA TYR C 38 -17.32 1.63 3.94
C TYR C 38 -18.23 0.54 4.47
N ARG C 39 -19.52 0.74 4.27
CA ARG C 39 -20.55 -0.12 4.83
C ARG C 39 -20.98 -1.15 3.81
N ILE C 40 -20.98 -2.43 4.21
CA ILE C 40 -21.51 -3.48 3.35
C ILE C 40 -23.03 -3.34 3.35
N ALA C 41 -23.58 -2.95 2.20
CA ALA C 41 -25.03 -2.82 2.08
C ALA C 41 -25.68 -4.03 1.41
N ALA C 42 -24.91 -4.83 0.69
CA ALA C 42 -25.44 -6.02 0.06
C ALA C 42 -24.28 -6.93 -0.29
N MET C 43 -24.55 -8.22 -0.30
CA MET C 43 -23.51 -9.19 -0.63
C MET C 43 -24.18 -10.50 -1.01
N LYS C 44 -23.71 -11.11 -2.09
CA LYS C 44 -24.29 -12.36 -2.57
C LYS C 44 -23.29 -13.10 -3.46
N LEU C 45 -23.05 -14.37 -3.15
CA LEU C 45 -22.30 -15.25 -4.03
C LEU C 45 -23.24 -15.88 -5.05
N THR C 46 -22.86 -15.81 -6.32
CA THR C 46 -23.64 -16.45 -7.36
C THR C 46 -22.70 -16.96 -8.43
N ILE C 47 -23.25 -17.67 -9.41
CA ILE C 47 -22.48 -18.07 -10.57
C ILE C 47 -23.01 -17.25 -11.74
N ALA C 48 -22.17 -16.38 -12.27
CA ALA C 48 -22.60 -15.48 -13.33
C ALA C 48 -22.92 -16.28 -14.59
N THR C 49 -23.98 -15.87 -15.29
CA THR C 49 -24.37 -16.49 -16.54
C THR C 49 -24.11 -15.57 -17.72
N PRO C 50 -23.96 -16.12 -18.93
CA PRO C 50 -23.79 -15.24 -20.09
C PRO C 50 -24.91 -14.25 -20.25
N ALA C 51 -26.16 -14.64 -19.95
CA ALA C 51 -27.27 -13.70 -20.17
C ALA C 51 -27.11 -12.46 -19.29
N ILE C 52 -26.82 -12.65 -18.00
CA ILE C 52 -26.69 -11.48 -17.14
C ILE C 52 -25.39 -10.72 -17.47
N LEU C 53 -24.34 -11.44 -17.86
CA LEU C 53 -23.09 -10.79 -18.21
C LEU C 53 -23.24 -9.94 -19.47
N GLU C 54 -24.05 -10.40 -20.43
CA GLU C 54 -24.33 -9.58 -21.61
C GLU C 54 -24.95 -8.24 -21.21
N GLU C 55 -25.89 -8.27 -20.27
CA GLU C 55 -26.49 -7.02 -19.82
CA GLU C 55 -26.50 -7.03 -19.79
C GLU C 55 -25.51 -6.20 -18.98
N HIS C 56 -24.72 -6.86 -18.15
CA HIS C 56 -23.75 -6.15 -17.33
C HIS C 56 -22.77 -5.38 -18.20
N TYR C 57 -22.28 -6.04 -19.24
CA TYR C 57 -21.29 -5.47 -20.15
C TYR C 57 -21.92 -4.97 -21.45
N ALA C 58 -23.17 -4.50 -21.37
CA ALA C 58 -23.87 -4.01 -22.56
C ALA C 58 -23.07 -2.93 -23.28
N GLU C 59 -22.30 -2.11 -22.55
CA GLU C 59 -21.55 -1.03 -23.20
C GLU C 59 -20.50 -1.57 -24.18
N HIS C 60 -20.18 -2.85 -24.11
CA HIS C 60 -19.24 -3.49 -25.02
C HIS C 60 -19.93 -4.33 -26.10
N LYS C 61 -21.24 -4.23 -26.23
CA LYS C 61 -21.97 -5.05 -27.19
C LYS C 61 -21.42 -4.87 -28.60
N GLY C 62 -21.41 -5.96 -29.36
CA GLY C 62 -20.90 -5.97 -30.71
C GLY C 62 -19.39 -5.99 -30.83
N LYS C 63 -18.65 -5.67 -29.77
CA LYS C 63 -17.20 -5.61 -29.85
C LYS C 63 -16.60 -7.01 -29.91
N PRO C 64 -15.37 -7.14 -30.41
CA PRO C 64 -14.80 -8.47 -30.63
C PRO C 64 -14.24 -9.13 -29.38
N PHE C 65 -13.90 -8.37 -28.34
CA PHE C 65 -13.40 -8.96 -27.11
C PHE C 65 -14.53 -9.40 -26.16
N LEU C 66 -15.78 -9.05 -26.46
CA LEU C 66 -16.86 -9.37 -25.52
C LEU C 66 -17.01 -10.86 -25.32
N PRO C 67 -17.03 -11.71 -26.35
CA PRO C 67 -17.21 -13.15 -26.10
C PRO C 67 -16.19 -13.71 -25.12
N GLY C 68 -14.93 -13.28 -25.21
CA GLY C 68 -13.92 -13.80 -24.29
C GLY C 68 -14.07 -13.23 -22.90
N LEU C 69 -14.48 -11.97 -22.78
CA LEU C 69 -14.77 -11.41 -21.46
C LEU C 69 -15.90 -12.18 -20.78
N ILE C 70 -16.98 -12.47 -21.52
CA ILE C 70 -18.07 -13.22 -20.94
CA ILE C 70 -18.09 -13.23 -20.95
C ILE C 70 -17.61 -14.61 -20.53
N GLU C 71 -16.74 -15.23 -21.32
CA GLU C 71 -16.25 -16.56 -20.96
C GLU C 71 -15.41 -16.54 -19.69
N LYS C 72 -14.48 -15.58 -19.60
CA LYS C 72 -13.66 -15.47 -18.38
C LYS C 72 -14.55 -15.25 -17.16
N MET C 73 -15.70 -14.60 -17.35
CA MET C 73 -16.55 -14.18 -16.25
C MET C 73 -17.65 -15.18 -15.91
N THR C 74 -17.81 -16.24 -16.70
CA THR C 74 -18.78 -17.27 -16.42
C THR C 74 -18.19 -18.19 -15.36
N GLY C 75 -18.59 -17.97 -14.12
CA GLY C 75 -18.07 -18.67 -12.99
C GLY C 75 -18.55 -17.98 -11.73
N PRO C 76 -18.07 -18.45 -10.57
CA PRO C 76 -18.50 -17.84 -9.31
C PRO C 76 -18.03 -16.40 -9.22
N VAL C 77 -18.92 -15.53 -8.75
CA VAL C 77 -18.61 -14.13 -8.48
C VAL C 77 -19.22 -13.76 -7.14
N LEU C 78 -18.63 -12.75 -6.49
CA LEU C 78 -19.22 -12.18 -5.27
C LEU C 78 -19.75 -10.80 -5.61
N CYS C 79 -21.08 -10.68 -5.63
CA CYS C 79 -21.74 -9.40 -5.84
C CYS C 79 -21.74 -8.62 -4.54
N MET C 80 -21.40 -7.32 -4.61
CA MET C 80 -21.29 -6.53 -3.40
C MET C 80 -21.82 -5.13 -3.67
N VAL C 81 -22.42 -4.53 -2.64
CA VAL C 81 -22.74 -3.10 -2.62
C VAL C 81 -22.08 -2.51 -1.40
N PHE C 82 -21.24 -1.49 -1.60
CA PHE C 82 -20.61 -0.76 -0.53
C PHE C 82 -21.07 0.69 -0.54
N GLU C 83 -21.20 1.26 0.65
CA GLU C 83 -21.67 2.62 0.86
C GLU C 83 -20.61 3.47 1.54
N GLY C 84 -20.45 4.70 1.05
CA GLY C 84 -19.54 5.64 1.66
C GLY C 84 -19.55 6.96 0.89
N VAL C 85 -18.82 7.92 1.43
CA VAL C 85 -18.65 9.22 0.76
C VAL C 85 -17.86 8.99 -0.52
N ASP C 86 -18.43 9.44 -1.66
CA ASP C 86 -17.71 9.40 -2.94
C ASP C 86 -17.25 7.98 -3.27
N VAL C 87 -17.98 6.97 -2.79
CA VAL C 87 -17.45 5.61 -2.85
C VAL C 87 -17.34 5.09 -4.27
N ILE C 88 -18.14 5.61 -5.22
CA ILE C 88 -18.00 5.14 -6.59
C ILE C 88 -16.61 5.46 -7.13
N ALA C 89 -16.23 6.75 -7.11
CA ALA C 89 -14.90 7.12 -7.60
C ALA C 89 -13.79 6.57 -6.72
N GLN C 90 -14.02 6.53 -5.41
CA GLN C 90 -12.96 6.06 -4.52
C GLN C 90 -12.70 4.58 -4.70
N ALA C 91 -13.74 3.77 -4.88
CA ALA C 91 -13.50 2.35 -5.09
C ALA C 91 -12.75 2.12 -6.40
N ARG C 92 -13.06 2.91 -7.44
CA ARG C 92 -12.31 2.82 -8.68
C ARG C 92 -10.85 3.15 -8.46
N LYS C 93 -10.57 4.18 -7.65
CA LYS C 93 -9.19 4.53 -7.33
C LYS C 93 -8.48 3.40 -6.59
N MET C 94 -9.18 2.77 -5.65
CA MET C 94 -8.61 1.67 -4.88
C MET C 94 -8.36 0.45 -5.75
N MET C 95 -9.22 0.22 -6.75
CA MET C 95 -9.03 -0.91 -7.67
C MET C 95 -7.80 -0.72 -8.54
N GLY C 96 -7.58 0.50 -9.01
CA GLY C 96 -6.50 0.80 -9.92
C GLY C 96 -6.91 0.60 -11.38
N SER C 97 -6.01 1.03 -12.26
CA SER C 97 -6.21 0.93 -13.69
C SER C 97 -6.59 -0.47 -14.14
N THR C 98 -7.32 -0.52 -15.25
CA THR C 98 -7.77 -1.77 -15.86
C THR C 98 -6.62 -2.74 -16.07
N ARG C 99 -5.51 -2.23 -16.60
CA ARG C 99 -4.31 -3.02 -16.84
C ARG C 99 -3.47 -3.00 -15.56
N PRO C 100 -3.31 -4.12 -14.86
CA PRO C 100 -2.55 -4.12 -13.60
C PRO C 100 -1.17 -3.49 -13.73
N GLY C 101 -0.50 -3.64 -14.87
CA GLY C 101 0.83 -3.09 -15.02
C GLY C 101 0.87 -1.57 -15.00
N GLU C 102 -0.26 -0.93 -15.29
CA GLU C 102 -0.38 0.52 -15.25
C GLU C 102 -0.98 1.03 -13.96
N ALA C 103 -1.51 0.15 -13.12
CA ALA C 103 -2.15 0.56 -11.89
C ALA C 103 -1.13 1.00 -10.86
N ALA C 104 -1.55 1.92 -10.00
CA ALA C 104 -0.64 2.50 -9.03
C ALA C 104 -0.32 1.50 -7.93
N PRO C 105 0.91 1.51 -7.40
CA PRO C 105 1.21 0.67 -6.25
C PRO C 105 0.24 0.96 -5.11
N GLY C 106 -0.17 -0.10 -4.43
CA GLY C 106 -1.12 0.00 -3.37
C GLY C 106 -2.56 -0.16 -3.78
N THR C 107 -2.85 -0.23 -5.08
CA THR C 107 -4.18 -0.58 -5.54
C THR C 107 -4.36 -2.09 -5.62
N ILE C 108 -5.62 -2.53 -5.67
CA ILE C 108 -5.90 -3.97 -5.75
C ILE C 108 -5.25 -4.58 -7.00
N ARG C 109 -5.47 -3.98 -8.16
CA ARG C 109 -4.98 -4.61 -9.37
C ARG C 109 -3.45 -4.64 -9.40
N ALA C 110 -2.79 -3.56 -8.97
CA ALA C 110 -1.33 -3.56 -8.89
C ALA C 110 -0.81 -4.57 -7.86
N ASP C 111 -1.50 -4.74 -6.77
CA ASP C 111 -0.95 -5.57 -5.71
C ASP C 111 -1.19 -7.07 -5.93
N PHE C 112 -2.21 -7.43 -6.73
CA PHE C 112 -2.62 -8.82 -6.90
C PHE C 112 -2.47 -9.38 -8.31
N CYS C 113 -2.39 -8.55 -9.35
CA CYS C 113 -2.65 -9.04 -10.70
C CYS C 113 -1.54 -8.66 -11.69
N GLN C 114 -1.65 -9.26 -12.89
CA GLN C 114 -0.70 -9.08 -13.96
C GLN C 114 -1.32 -8.57 -15.25
N GLN C 115 -2.51 -9.05 -15.61
CA GLN C 115 -3.10 -8.76 -16.90
C GLN C 115 -4.55 -8.33 -16.74
N ALA C 116 -4.99 -7.48 -17.68
CA ALA C 116 -6.34 -6.94 -17.64
C ALA C 116 -7.40 -8.04 -17.66
N GLY C 117 -7.16 -9.11 -18.43
CA GLY C 117 -8.16 -10.16 -18.53
C GLY C 117 -8.36 -10.93 -17.24
N ARG C 118 -7.42 -10.82 -16.29
CA ARG C 118 -7.59 -11.42 -14.96
C ARG C 118 -7.23 -10.34 -13.92
N ASN C 119 -8.15 -9.41 -13.69
CA ASN C 119 -7.86 -8.24 -12.85
C ASN C 119 -8.80 -8.15 -11.66
N LEU C 120 -9.32 -9.32 -11.23
CA LEU C 120 -9.84 -9.64 -9.90
C LEU C 120 -11.17 -9.06 -9.48
N ILE C 121 -11.54 -7.89 -10.00
CA ILE C 121 -12.65 -7.14 -9.42
C ILE C 121 -13.18 -6.15 -10.46
N HIS C 122 -14.50 -5.95 -10.42
CA HIS C 122 -15.21 -4.93 -11.16
C HIS C 122 -15.78 -3.91 -10.19
N GLY C 123 -15.76 -2.64 -10.57
CA GLY C 123 -16.52 -1.62 -9.85
C GLY C 123 -17.20 -0.65 -10.80
N SER C 124 -18.36 -0.18 -10.38
CA SER C 124 -19.11 0.80 -11.16
C SER C 124 -18.25 2.03 -11.42
N ASP C 125 -18.37 2.61 -12.64
CA ASP C 125 -17.51 3.75 -12.96
C ASP C 125 -18.21 5.11 -12.89
N SER C 126 -19.49 5.16 -12.54
CA SER C 126 -20.23 6.42 -12.50
C SER C 126 -21.50 6.21 -11.68
N ALA C 127 -22.15 7.33 -11.37
CA ALA C 127 -23.42 7.26 -10.65
C ALA C 127 -24.47 6.50 -11.46
N GLU C 128 -24.54 6.75 -12.77
CA GLU C 128 -25.54 6.06 -13.59
C GLU C 128 -25.25 4.58 -13.65
N SER C 129 -23.98 4.20 -13.87
CA SER C 129 -23.67 2.79 -13.96
CA SER C 129 -23.62 2.79 -13.95
C SER C 129 -23.86 2.10 -12.61
N ALA C 130 -23.59 2.79 -11.51
CA ALA C 130 -23.80 2.14 -10.20
C ALA C 130 -25.28 1.83 -9.99
N LYS C 131 -26.15 2.78 -10.30
CA LYS C 131 -27.58 2.53 -10.13
C LYS C 131 -28.01 1.36 -11.00
N ARG C 132 -27.56 1.33 -12.26
CA ARG C 132 -27.96 0.26 -13.19
C ARG C 132 -27.47 -1.09 -12.73
N GLU C 133 -26.21 -1.14 -12.30
CA GLU C 133 -25.59 -2.41 -11.94
C GLU C 133 -26.16 -2.97 -10.65
N ILE C 134 -26.35 -2.12 -9.65
CA ILE C 134 -26.97 -2.59 -8.40
C ILE C 134 -28.34 -3.21 -8.70
N SER C 135 -29.15 -2.54 -9.52
CA SER C 135 -30.48 -3.05 -9.87
C SER C 135 -30.40 -4.34 -10.68
N LEU C 136 -29.38 -4.48 -11.52
CA LEU C 136 -29.22 -5.68 -12.32
C LEU C 136 -28.96 -6.91 -11.46
N TRP C 137 -28.05 -6.79 -10.49
CA TRP C 137 -27.58 -7.94 -9.72
C TRP C 137 -28.31 -8.16 -8.40
N PHE C 138 -29.03 -7.16 -7.91
CA PHE C 138 -29.73 -7.23 -6.63
C PHE C 138 -31.18 -6.80 -6.76
N LYS C 139 -32.08 -7.55 -6.09
CA LYS C 139 -33.44 -7.04 -5.86
C LYS C 139 -33.43 -6.01 -4.73
N PRO C 140 -34.39 -5.09 -4.70
CA PRO C 140 -34.36 -4.08 -3.62
C PRO C 140 -34.40 -4.68 -2.23
N GLU C 141 -35.06 -5.83 -2.06
CA GLU C 141 -35.16 -6.50 -0.77
C GLU C 141 -33.80 -6.99 -0.26
N GLU C 142 -32.80 -7.07 -1.12
CA GLU C 142 -31.49 -7.58 -0.75
C GLU C 142 -30.55 -6.47 -0.29
N ILE C 143 -30.96 -5.22 -0.41
CA ILE C 143 -30.16 -4.08 0.00
C ILE C 143 -30.53 -3.74 1.44
N GLN C 144 -29.54 -3.76 2.31
CA GLN C 144 -29.75 -3.68 3.74
C GLN C 144 -29.36 -2.31 4.27
N SER C 145 -30.27 -1.71 5.02
CA SER C 145 -30.04 -0.39 5.60
CA SER C 145 -30.04 -0.39 5.60
C SER C 145 -29.79 -0.53 7.09
N TYR C 146 -28.61 -0.10 7.52
CA TYR C 146 -28.24 -0.03 8.92
C TYR C 146 -27.14 1.01 9.03
N LYS C 147 -26.92 1.47 10.26
CA LYS C 147 -25.95 2.52 10.53
C LYS C 147 -24.73 1.93 11.23
N LEU C 148 -23.54 2.29 10.75
CA LEU C 148 -22.32 1.86 11.41
C LEU C 148 -22.17 2.54 12.77
N ALA C 149 -21.87 1.75 13.78
CA ALA C 149 -21.72 2.29 15.13
C ALA C 149 -20.56 3.27 15.25
N LEU C 150 -19.56 3.18 14.38
CA LEU C 150 -18.44 4.12 14.37
C LEU C 150 -18.68 5.36 13.47
N SER C 151 -19.93 5.59 13.02
CA SER C 151 -20.22 6.69 12.10
CA SER C 151 -20.21 6.70 12.09
C SER C 151 -19.68 8.03 12.60
N ASP C 152 -19.78 8.30 13.90
CA ASP C 152 -19.30 9.59 14.39
C ASP C 152 -17.81 9.77 14.19
N TYR C 153 -17.06 8.69 14.01
CA TYR C 153 -15.62 8.74 13.87
C TYR C 153 -15.18 8.51 12.44
N ILE C 154 -16.12 8.27 11.54
CA ILE C 154 -15.83 8.08 10.12
C ILE C 154 -16.22 9.30 9.31
N PHE C 155 -17.38 9.89 9.62
CA PHE C 155 -17.92 11.00 8.86
C PHE C 155 -17.74 12.30 9.63
N GLU C 156 -17.45 13.38 8.91
CA GLU C 156 -17.25 14.66 9.55
C GLU C 156 -18.66 15.19 9.87
N1 CTP D . 23.39 3.92 -4.26
C2 CTP D . 23.82 4.76 -3.25
N3 CTP D . 24.21 6.06 -3.53
C4 CTP D . 24.21 6.50 -4.85
C5 CTP D . 23.90 5.61 -5.87
C6 CTP D . 23.38 4.36 -5.55
O2 CTP D . 23.85 4.36 -2.09
N4 CTP D . 24.52 7.77 -5.11
C1' CTP D . 23.26 2.48 -3.98
C2' CTP D . 21.80 2.12 -3.80
O2' CTP D . 21.72 1.16 -2.77
C3' CTP D . 21.41 1.51 -5.13
C4' CTP D . 22.73 0.85 -5.54
O4' CTP D . 23.75 1.72 -5.06
O3' CTP D . 20.34 0.61 -5.03
C5' CTP D . 22.87 0.69 -7.04
O5' CTP D . 22.72 1.95 -7.65
PA CTP D . 21.65 2.09 -8.82
O1A CTP D . 21.81 0.94 -9.78
O2A CTP D . 21.78 3.44 -9.50
O3A CTP D . 20.19 2.08 -8.14
PB CTP D . 19.14 0.87 -8.13
O1B CTP D . 18.99 0.23 -9.49
O2B CTP D . 17.84 1.43 -7.60
O3B CTP D . 19.81 -0.13 -7.06
PG CTP D . 19.89 -1.71 -7.34
O1G CTP D . 20.59 -1.98 -8.65
O2G CTP D . 20.70 -2.37 -6.24
O3G CTP D . 18.47 -2.23 -7.42
PB ADP E . 18.93 0.78 -8.33
O1B ADP E . 19.24 -0.38 -7.40
O2B ADP E . 18.94 0.44 -9.80
O3B ADP E . 17.73 1.61 -7.90
PA ADP E . 21.57 1.90 -8.89
O1A ADP E . 21.86 0.63 -9.66
O2A ADP E . 21.65 3.25 -9.58
O3A ADP E . 20.16 1.82 -8.10
O5' ADP E . 22.59 1.91 -7.64
C5' ADP E . 22.87 0.65 -7.05
C4' ADP E . 22.79 0.80 -5.54
O4' ADP E . 23.80 1.71 -5.07
C3' ADP E . 21.46 1.37 -5.07
O3' ADP E . 20.44 0.38 -4.91
C2' ADP E . 21.84 2.03 -3.76
O2' ADP E . 21.77 1.07 -2.70
C1' ADP E . 23.30 2.44 -3.94
N9 ADP E . 23.39 3.89 -4.22
C8 ADP E . 23.29 4.43 -5.45
N7 ADP E . 23.42 5.79 -5.38
C5 ADP E . 23.60 6.12 -4.09
C6 ADP E . 23.79 7.37 -3.32
N6 ADP E . 23.83 8.57 -3.96
N1 ADP E . 23.95 7.28 -1.98
C2 ADP E . 23.91 6.10 -1.34
N3 ADP E . 23.74 4.92 -1.97
C4 ADP E . 23.58 4.86 -3.32
MG MG F . 20.74 -0.82 -10.66
N1 CTP G . -10.02 20.40 8.47
C2 CTP G . -11.38 20.26 8.23
N3 CTP G . -12.01 21.11 7.34
C4 CTP G . -11.32 22.16 6.78
C5 CTP G . -10.00 22.38 7.14
C6 CTP G . -9.32 21.40 7.85
O2 CTP G . -12.02 19.38 8.80
N4 CTP G . -11.93 22.96 5.89
C1' CTP G . -9.39 19.61 9.56
C2' CTP G . -8.62 18.44 8.99
O2' CTP G . -8.95 17.27 9.69
C3' CTP G . -7.16 18.79 9.19
C4' CTP G . -7.19 19.81 10.33
O4' CTP G . -8.47 20.41 10.29
O3' CTP G . -6.35 17.65 9.45
C5' CTP G . -6.13 20.90 10.24
O5' CTP G . -6.15 21.52 8.98
PA CTP G . -4.84 21.52 8.03
O1A CTP G . -3.65 21.94 8.86
O2A CTP G . -5.03 22.42 6.85
O3A CTP G . -4.66 19.98 7.54
PB CTP G . -3.65 18.93 8.24
O1B CTP G . -2.34 19.60 8.56
O2B CTP G . -3.45 17.74 7.34
O3B CTP G . -4.41 18.48 9.61
PG CTP G . -3.56 18.19 10.94
O1G CTP G . -2.77 19.44 11.29
O2G CTP G . -4.44 17.85 12.12
O3G CTP G . -2.60 17.06 10.63
PB ADP H . -3.33 18.90 7.88
O1B ADP H . -3.85 18.35 9.19
O2B ADP H . -2.04 19.68 7.98
O3B ADP H . -3.36 17.89 6.75
PA ADP H . -4.54 21.46 8.14
O1A ADP H . -3.46 21.59 9.19
O2A ADP H . -4.66 22.52 7.06
O3A ADP H . -4.42 20.01 7.43
O5' ADP H . -5.96 21.32 8.90
C5' ADP H . -6.00 20.83 10.24
C4' ADP H . -7.11 19.81 10.35
O4' ADP H . -8.39 20.46 10.23
C3' ADP H . -7.08 18.75 9.25
O3' ADP H . -6.24 17.62 9.56
C2' ADP H . -8.55 18.39 9.07
O2' ADP H . -8.91 17.28 9.90
C1' ADP H . -9.32 19.62 9.52
N9 ADP H . -9.88 20.38 8.36
C8 ADP H . -9.26 21.37 7.69
N7 ADP H . -10.05 21.85 6.70
C5 ADP H . -11.20 21.15 6.71
C6 ADP H . -12.47 21.16 5.93
N6 ADP H . -12.66 22.02 4.90
N1 ADP H . -13.43 20.27 6.28
C2 ADP H . -13.27 19.40 7.30
N3 ADP H . -12.14 19.36 8.05
C4 ADP H . -11.10 20.18 7.82
MG MG I . -1.10 21.09 9.99
N1 CTP J . -10.70 -6.10 -20.82
C2 CTP J . -9.68 -6.81 -21.42
N3 CTP J . -8.98 -6.25 -22.48
C4 CTP J . -9.58 -5.23 -23.20
C5 CTP J . -10.79 -4.70 -22.75
C6 CTP J . -11.23 -5.01 -21.48
O2 CTP J . -9.38 -7.95 -21.03
N4 CTP J . -9.00 -4.75 -24.29
C1' CTP J . -11.46 -6.70 -19.71
C2' CTP J . -10.89 -6.27 -18.37
O2' CTP J . -10.86 -7.39 -17.51
C3' CTP J . -11.87 -5.22 -17.87
C4' CTP J . -13.17 -5.64 -18.53
O4' CTP J . -12.81 -6.26 -19.75
O3' CTP J . -11.93 -5.17 -16.46
C5' CTP J . -14.11 -4.48 -18.80
O5' CTP J . -13.43 -3.51 -19.57
PA CTP J . -13.42 -1.98 -19.09
O1A CTP J . -14.82 -1.65 -18.62
O2A CTP J . -12.95 -1.11 -20.23
O3A CTP J . -12.36 -1.90 -17.87
PB CTP J . -12.76 -1.83 -16.31
O1B CTP J . -13.90 -0.86 -16.09
O2B CTP J . -11.55 -1.42 -15.51
O3B CTP J . -13.22 -3.35 -15.98
PG CTP J . -14.50 -3.62 -15.04
O1G CTP J . -15.72 -3.00 -15.68
O2G CTP J . -14.75 -5.10 -14.92
O3G CTP J . -14.25 -2.97 -13.69
PB ADP K . -12.62 -1.67 -16.17
O1B ADP K . -13.04 -3.05 -15.72
O2B ADP K . -13.68 -0.60 -16.08
O3B ADP K . -11.27 -1.24 -15.64
PA ADP K . -13.49 -1.91 -18.91
O1A ADP K . -14.88 -1.75 -18.33
O2A ADP K . -13.04 -1.02 -20.06
O3A ADP K . -12.35 -1.85 -17.76
O5' ADP K . -13.37 -3.44 -19.39
C5' ADP K . -14.19 -4.43 -18.76
C4' ADP K . -13.31 -5.64 -18.49
O4' ADP K . -12.89 -6.22 -19.73
C3' ADP K . -12.03 -5.28 -17.75
O3' ADP K . -12.18 -5.29 -16.32
C2' ADP K . -11.03 -6.31 -18.24
O2' ADP K . -11.01 -7.48 -17.42
C1' ADP K . -11.54 -6.68 -19.63
N9 ADP K . -10.70 -6.01 -20.65
C8 ADP K . -10.96 -4.81 -21.21
N7 ADP K . -10.00 -4.48 -22.12
C5 ADP K . -9.11 -5.50 -22.15
C6 ADP K . -7.86 -5.80 -22.89
N6 ADP K . -7.37 -4.92 -23.80
N1 ADP K . -7.24 -6.98 -22.64
C2 ADP K . -7.73 -7.86 -21.74
N3 ADP K . -8.85 -7.64 -21.04
C4 ADP K . -9.58 -6.50 -21.19
MG MG L . -15.92 -0.98 -16.82
#